data_3ROC
#
_entry.id   3ROC
#
_cell.length_a   65.311
_cell.length_b   74.609
_cell.length_c   77.752
_cell.angle_alpha   90
_cell.angle_beta   90
_cell.angle_gamma   90
#
_symmetry.space_group_name_H-M   'P 21 21 21'
#
loop_
_entity.id
_entity.type
_entity.pdbx_description
1 polymer 'Mitogen-activated protein kinase 14'
2 non-polymer 3-{5-chloro-4-[(2,4-difluorobenzyl)oxy]-6-oxopyrimidin-1(6H)-yl}-N-(2-hydroxyethyl)-4-methylbenzamide
3 non-polymer 4-[4-(4-fluorophenyl)-1H-pyrazol-3-yl]pyridine
4 water water
#
_entity_poly.entity_id   1
_entity_poly.type   'polypeptide(L)'
_entity_poly.pdbx_seq_one_letter_code
;MSQERPTFYRQELNKTIWEVPERYQNLSPVGSGAYGSVCAAFDTKTGLRVAVKKLSRPFQSIIHAKRTYRELRLLKHMKH
ENVIGLLDVFTPARSLEEFNDVYLVTHLMGADLNNIVKCQKLTDDHVQFLIYQILRGLKYIHSADIIHRDLKPSNLAVNE
DCELKILDFGLARHTDDEMTGYVATRWYRAPEIMLNWMHYNQTVDIWSVGCIMAELLTGRTLFPGTDHIDQLKLILRLVG
TPGAELLKKISSESARNYIQSLTQMPKMNFANVFIGANPLAVDLLEKMLVLDSDKRITAAQALAHAYFAQYHDPDDEPVA
DPYDQSFESRDLLIDEWKSLTYDEVISFVPPPLDQEEMES
;
_entity_poly.pdbx_strand_id   A
#
# COMPACT_ATOMS: atom_id res chain seq x y z
N ARG A 5 -10.10 27.22 -17.40
CA ARG A 5 -8.75 26.59 -17.31
C ARG A 5 -7.74 27.55 -16.70
N PRO A 6 -7.02 27.11 -15.65
CA PRO A 6 -6.02 27.97 -15.01
C PRO A 6 -4.82 28.19 -15.94
N THR A 7 -3.94 29.10 -15.54
CA THR A 7 -2.75 29.41 -16.32
C THR A 7 -1.60 28.50 -15.88
N PHE A 8 -1.05 27.77 -16.84
CA PHE A 8 0.06 26.86 -16.57
C PHE A 8 1.42 27.51 -16.77
N TYR A 9 2.44 26.94 -16.13
CA TYR A 9 3.81 27.42 -16.26
C TYR A 9 4.72 26.19 -16.33
N ARG A 10 5.69 26.25 -17.22
CA ARG A 10 6.61 25.15 -17.49
C ARG A 10 8.00 25.31 -16.90
N GLN A 11 8.60 24.20 -16.50
CA GLN A 11 9.95 24.20 -15.95
C GLN A 11 10.56 22.80 -16.05
N GLU A 12 11.88 22.73 -15.91
CA GLU A 12 12.57 21.45 -15.98
C GLU A 12 13.19 21.10 -14.62
N LEU A 13 12.93 19.89 -14.16
CA LEU A 13 13.44 19.40 -12.89
C LEU A 13 13.89 17.96 -13.08
N ASN A 14 15.21 17.75 -12.97
CA ASN A 14 15.81 16.42 -13.13
C ASN A 14 15.42 15.70 -14.42
N LYS A 15 15.69 16.32 -15.56
CA LYS A 15 15.39 15.74 -16.88
C LYS A 15 13.89 15.68 -17.23
N THR A 16 13.04 15.86 -16.23
CA THR A 16 11.60 15.79 -16.45
C THR A 16 10.98 17.17 -16.59
N ILE A 17 10.00 17.29 -17.49
CA ILE A 17 9.29 18.54 -17.70
C ILE A 17 8.10 18.59 -16.76
N TRP A 18 7.85 19.75 -16.16
CA TRP A 18 6.72 19.93 -15.26
C TRP A 18 5.90 21.14 -15.73
N GLU A 19 4.67 20.89 -16.13
CA GLU A 19 3.78 21.96 -16.59
C GLU A 19 2.60 21.92 -15.65
N VAL A 20 2.59 22.82 -14.67
CA VAL A 20 1.54 22.84 -13.67
C VAL A 20 0.86 24.20 -13.50
N PRO A 21 -0.37 24.23 -12.96
CA PRO A 21 -1.05 25.52 -12.79
C PRO A 21 -0.23 26.43 -11.87
N GLU A 22 -0.31 27.74 -12.12
CA GLU A 22 0.45 28.69 -11.32
C GLU A 22 0.16 28.61 -9.83
N ARG A 23 -1.02 28.09 -9.47
CA ARG A 23 -1.37 27.98 -8.05
C ARG A 23 -0.38 27.12 -7.25
N TYR A 24 0.34 26.22 -7.93
CA TYR A 24 1.32 25.39 -7.26
C TYR A 24 2.70 26.00 -7.45
N GLN A 25 3.33 26.37 -6.33
CA GLN A 25 4.64 26.99 -6.36
C GLN A 25 5.74 26.23 -5.67
N ASN A 26 6.97 26.65 -5.95
CA ASN A 26 8.17 26.08 -5.38
C ASN A 26 8.23 24.56 -5.40
N LEU A 27 8.14 24.00 -6.61
CA LEU A 27 8.22 22.55 -6.77
C LEU A 27 9.62 22.09 -6.42
N SER A 28 9.72 21.00 -5.69
CA SER A 28 11.00 20.47 -5.27
C SER A 28 10.93 18.95 -5.29
N PRO A 29 11.75 18.30 -6.13
CA PRO A 29 11.79 16.84 -6.25
C PRO A 29 12.06 16.15 -4.91
N VAL A 30 11.26 15.14 -4.59
CA VAL A 30 11.43 14.40 -3.34
C VAL A 30 11.87 12.96 -3.59
N GLY A 31 11.28 12.33 -4.61
CA GLY A 31 11.63 10.95 -4.92
C GLY A 31 10.71 10.26 -5.89
N SER A 32 10.90 8.94 -6.02
CA SER A 32 10.10 8.12 -6.92
C SER A 32 8.82 7.66 -6.22
N GLY A 33 7.67 7.94 -6.85
CA GLY A 33 6.40 7.54 -6.27
C GLY A 33 5.77 6.35 -6.95
N ALA A 34 6.60 5.40 -7.40
CA ALA A 34 6.15 4.19 -8.08
C ALA A 34 5.51 4.53 -9.43
N TYR A 35 6.28 4.38 -10.50
CA TYR A 35 5.85 4.67 -11.87
C TYR A 35 5.48 6.16 -12.01
N GLY A 36 6.26 7.01 -11.35
CA GLY A 36 6.02 8.44 -11.39
C GLY A 36 7.04 9.27 -10.64
N SER A 37 7.15 10.54 -11.05
CA SER A 37 8.08 11.48 -10.45
C SER A 37 7.28 12.32 -9.47
N VAL A 38 7.86 12.60 -8.30
CA VAL A 38 7.16 13.39 -7.29
C VAL A 38 7.89 14.64 -6.82
N CYS A 39 7.12 15.72 -6.70
CA CYS A 39 7.63 17.01 -6.23
C CYS A 39 6.80 17.50 -5.07
N ALA A 40 7.47 18.06 -4.08
CA ALA A 40 6.79 18.69 -2.95
C ALA A 40 6.53 20.10 -3.51
N ALA A 41 5.40 20.70 -3.15
CA ALA A 41 5.05 22.04 -3.64
C ALA A 41 4.15 22.78 -2.65
N PHE A 42 3.93 24.07 -2.88
CA PHE A 42 3.07 24.87 -2.03
C PHE A 42 1.82 25.25 -2.81
N ASP A 43 0.67 24.91 -2.26
CA ASP A 43 -0.62 25.20 -2.88
C ASP A 43 -1.06 26.59 -2.41
N THR A 44 -0.83 27.61 -3.24
CA THR A 44 -1.20 28.97 -2.87
C THR A 44 -2.69 29.16 -2.61
N LYS A 45 -3.52 28.31 -3.21
CA LYS A 45 -4.96 28.42 -3.05
C LYS A 45 -5.49 27.98 -1.69
N THR A 46 -4.89 26.95 -1.11
CA THR A 46 -5.32 26.44 0.19
C THR A 46 -4.32 26.78 1.29
N GLY A 47 -3.08 27.00 0.91
CA GLY A 47 -2.03 27.30 1.88
C GLY A 47 -1.36 26.05 2.42
N LEU A 48 -1.68 24.90 1.81
CA LEU A 48 -1.15 23.61 2.22
C LEU A 48 0.09 23.19 1.43
N ARG A 49 0.92 22.35 2.03
CA ARG A 49 2.09 21.81 1.35
C ARG A 49 1.54 20.53 0.70
N VAL A 50 1.78 20.36 -0.60
CA VAL A 50 1.25 19.20 -1.30
C VAL A 50 2.32 18.41 -2.02
N ALA A 51 1.97 17.19 -2.42
CA ALA A 51 2.89 16.37 -3.19
C ALA A 51 2.23 16.27 -4.56
N VAL A 52 3.01 16.49 -5.62
CA VAL A 52 2.47 16.42 -6.98
C VAL A 52 3.21 15.29 -7.70
N LYS A 53 2.45 14.38 -8.29
CA LYS A 53 3.03 13.23 -8.97
C LYS A 53 2.69 13.30 -10.46
N LYS A 54 3.73 13.26 -11.29
CA LYS A 54 3.54 13.27 -12.75
C LYS A 54 3.69 11.83 -13.21
N LEU A 55 2.65 11.27 -13.82
CA LEU A 55 2.73 9.89 -14.29
C LEU A 55 3.72 9.79 -15.45
N SER A 56 4.58 8.78 -15.41
CA SER A 56 5.58 8.59 -16.45
C SER A 56 5.02 7.78 -17.62
N ARG A 57 5.08 8.35 -18.82
CA ARG A 57 4.61 7.70 -20.07
C ARG A 57 3.26 7.01 -19.83
N PRO A 58 2.25 7.78 -19.39
CA PRO A 58 0.94 7.18 -19.12
C PRO A 58 0.26 6.38 -20.20
N PHE A 59 0.59 6.64 -21.47
CA PHE A 59 -0.05 5.91 -22.55
C PHE A 59 0.93 5.25 -23.52
N GLN A 60 2.06 4.81 -22.97
CA GLN A 60 3.16 4.13 -23.71
C GLN A 60 2.73 2.79 -24.31
N SER A 61 1.79 2.13 -23.65
CA SER A 61 1.31 0.82 -24.07
C SER A 61 -0.06 0.59 -23.47
N ILE A 62 -0.69 -0.53 -23.82
CA ILE A 62 -2.00 -0.85 -23.28
C ILE A 62 -1.89 -1.06 -21.77
N ILE A 63 -0.78 -1.64 -21.31
CA ILE A 63 -0.55 -1.87 -19.88
C ILE A 63 -0.49 -0.54 -19.14
N HIS A 64 0.35 0.37 -19.64
CA HIS A 64 0.49 1.70 -19.04
C HIS A 64 -0.83 2.46 -19.05
N ALA A 65 -1.54 2.44 -20.19
CA ALA A 65 -2.81 3.16 -20.30
C ALA A 65 -3.84 2.64 -19.31
N LYS A 66 -3.89 1.32 -19.14
CA LYS A 66 -4.85 0.74 -18.21
C LYS A 66 -4.44 1.05 -16.79
N ARG A 67 -3.13 1.06 -16.52
CA ARG A 67 -2.62 1.33 -15.18
C ARG A 67 -2.87 2.79 -14.80
N THR A 68 -2.77 3.66 -15.79
CA THR A 68 -3.01 5.10 -15.56
C THR A 68 -4.46 5.29 -15.14
N TYR A 69 -5.37 4.63 -15.84
CA TYR A 69 -6.79 4.70 -15.56
C TYR A 69 -7.06 4.11 -14.19
N ARG A 70 -6.45 2.97 -13.94
CA ARG A 70 -6.63 2.28 -12.68
C ARG A 70 -6.22 3.17 -11.51
N GLU A 71 -5.05 3.79 -11.61
CA GLU A 71 -4.57 4.64 -10.52
C GLU A 71 -5.48 5.84 -10.30
N LEU A 72 -5.89 6.49 -11.39
CA LEU A 72 -6.78 7.64 -11.27
C LEU A 72 -8.11 7.23 -10.62
N ARG A 73 -8.69 6.12 -11.07
CA ARG A 73 -9.95 5.63 -10.51
C ARG A 73 -9.84 5.32 -9.02
N LEU A 74 -8.74 4.70 -8.63
CA LEU A 74 -8.49 4.33 -7.23
C LEU A 74 -8.33 5.59 -6.38
N LEU A 75 -7.53 6.53 -6.86
CA LEU A 75 -7.29 7.77 -6.10
C LEU A 75 -8.54 8.64 -5.97
N LYS A 76 -9.40 8.64 -6.98
CA LYS A 76 -10.64 9.42 -6.94
C LYS A 76 -11.64 8.78 -5.98
N HIS A 77 -11.51 7.48 -5.76
CA HIS A 77 -12.43 6.78 -4.89
C HIS A 77 -12.08 6.85 -3.42
N MET A 78 -10.78 6.84 -3.11
CA MET A 78 -10.32 6.83 -1.73
C MET A 78 -10.49 8.13 -0.95
N LYS A 79 -11.38 8.10 0.05
CA LYS A 79 -11.64 9.26 0.89
C LYS A 79 -11.64 8.81 2.36
N HIS A 80 -10.43 8.70 2.90
CA HIS A 80 -10.18 8.22 4.26
C HIS A 80 -8.91 8.82 4.84
N GLU A 81 -8.93 9.11 6.14
CA GLU A 81 -7.79 9.74 6.79
C GLU A 81 -6.46 9.01 6.70
N ASN A 82 -6.51 7.69 6.55
CA ASN A 82 -5.31 6.87 6.50
C ASN A 82 -5.00 6.28 5.13
N VAL A 83 -5.57 6.89 4.10
CA VAL A 83 -5.36 6.43 2.72
C VAL A 83 -5.11 7.65 1.85
N ILE A 84 -4.06 7.60 1.03
CA ILE A 84 -3.76 8.72 0.13
C ILE A 84 -4.96 8.94 -0.78
N GLY A 85 -5.41 10.21 -0.84
CA GLY A 85 -6.55 10.58 -1.65
C GLY A 85 -6.15 11.73 -2.55
N LEU A 86 -7.11 12.30 -3.27
CA LEU A 86 -6.86 13.36 -4.22
C LEU A 86 -7.36 14.75 -3.88
N LEU A 87 -6.45 15.72 -3.93
CA LEU A 87 -6.80 17.12 -3.73
C LEU A 87 -7.08 17.75 -5.10
N ASP A 88 -6.42 17.22 -6.13
CA ASP A 88 -6.57 17.76 -7.47
C ASP A 88 -5.92 16.83 -8.48
N VAL A 89 -6.39 16.88 -9.71
CA VAL A 89 -5.85 16.11 -10.83
C VAL A 89 -5.93 17.03 -12.04
N PHE A 90 -4.85 17.15 -12.79
CA PHE A 90 -4.87 18.02 -13.96
C PHE A 90 -3.92 17.60 -15.08
N THR A 91 -4.11 18.26 -16.21
CA THR A 91 -3.27 18.03 -17.37
C THR A 91 -3.21 19.36 -18.11
N PRO A 92 -2.04 19.71 -18.66
CA PRO A 92 -1.91 20.97 -19.40
C PRO A 92 -2.63 20.92 -20.74
N ALA A 93 -3.10 19.73 -21.14
CA ALA A 93 -3.80 19.57 -22.40
C ALA A 93 -5.15 20.28 -22.41
N ARG A 94 -5.51 20.87 -23.54
CA ARG A 94 -6.77 21.57 -23.67
C ARG A 94 -7.81 20.73 -24.42
N SER A 95 -7.39 19.55 -24.88
CA SER A 95 -8.28 18.64 -25.60
C SER A 95 -7.86 17.18 -25.42
N LEU A 96 -8.75 16.27 -25.80
CA LEU A 96 -8.49 14.83 -25.70
C LEU A 96 -7.34 14.45 -26.62
N GLU A 97 -7.40 14.92 -27.87
CA GLU A 97 -6.35 14.62 -28.85
C GLU A 97 -4.97 15.07 -28.37
N GLU A 98 -4.96 16.15 -27.59
CA GLU A 98 -3.72 16.71 -27.04
C GLU A 98 -3.29 16.06 -25.71
N PHE A 99 -4.26 15.44 -25.04
CA PHE A 99 -4.04 14.79 -23.74
C PHE A 99 -2.93 13.72 -23.73
N ASN A 100 -1.84 13.98 -23.02
CA ASN A 100 -0.73 13.02 -22.95
C ASN A 100 0.03 13.03 -21.61
N ASP A 101 -0.44 13.81 -20.65
CA ASP A 101 0.21 13.87 -19.34
C ASP A 101 -0.85 13.97 -18.25
N VAL A 102 -0.59 13.32 -17.13
CA VAL A 102 -1.51 13.31 -15.99
C VAL A 102 -0.72 13.66 -14.73
N TYR A 103 -1.23 14.65 -13.99
CA TYR A 103 -0.61 15.08 -12.74
C TYR A 103 -1.63 14.89 -11.61
N LEU A 104 -1.18 14.32 -10.51
CA LEU A 104 -2.04 14.05 -9.35
C LEU A 104 -1.50 14.78 -8.13
N VAL A 105 -2.37 15.35 -7.31
CA VAL A 105 -1.84 16.03 -6.13
C VAL A 105 -2.55 15.61 -4.84
N THR A 106 -1.78 15.45 -3.79
CA THR A 106 -2.30 15.06 -2.48
C THR A 106 -1.58 15.85 -1.39
N HIS A 107 -2.06 15.73 -0.15
CA HIS A 107 -1.40 16.42 0.97
C HIS A 107 0.00 15.84 1.18
N LEU A 108 1.00 16.70 1.36
CA LEU A 108 2.36 16.22 1.60
C LEU A 108 2.48 15.66 3.02
N MET A 109 3.07 14.47 3.13
CA MET A 109 3.28 13.82 4.41
C MET A 109 4.71 14.09 4.84
N GLY A 110 5.65 13.88 3.92
CA GLY A 110 7.04 14.19 4.21
C GLY A 110 8.02 13.11 4.59
N ALA A 111 7.53 11.91 4.84
CA ALA A 111 8.41 10.83 5.22
C ALA A 111 7.70 9.50 5.05
N ASP A 112 8.43 8.41 5.17
CA ASP A 112 7.81 7.09 5.09
C ASP A 112 8.18 6.34 6.37
N LEU A 113 7.63 5.15 6.56
CA LEU A 113 7.89 4.37 7.77
C LEU A 113 9.36 4.03 7.98
N ASN A 114 10.09 3.88 6.87
CA ASN A 114 11.51 3.56 6.94
C ASN A 114 12.29 4.73 7.55
N ASN A 115 11.84 5.95 7.27
CA ASN A 115 12.47 7.15 7.79
C ASN A 115 12.21 7.31 9.29
N ILE A 116 11.41 6.39 9.84
CA ILE A 116 11.05 6.41 11.25
C ILE A 116 11.64 5.19 11.98
N VAL A 117 12.04 4.17 11.21
CA VAL A 117 12.61 2.95 11.78
C VAL A 117 14.13 2.99 11.90
N LYS A 118 14.79 3.37 10.81
CA LYS A 118 16.25 3.45 10.74
C LYS A 118 16.88 4.25 11.89
N CYS A 119 17.67 3.55 12.71
CA CYS A 119 18.37 4.15 13.86
C CYS A 119 17.42 4.88 14.82
N GLN A 120 16.20 4.35 14.93
CA GLN A 120 15.18 4.94 15.80
C GLN A 120 14.37 3.85 16.48
N LYS A 121 14.32 3.90 17.81
CA LYS A 121 13.56 2.93 18.58
C LYS A 121 12.23 3.55 19.01
N LEU A 122 11.15 3.08 18.38
CA LEU A 122 9.81 3.56 18.69
C LEU A 122 9.31 2.86 19.94
N THR A 123 8.48 3.55 20.71
CA THR A 123 7.92 2.96 21.93
C THR A 123 6.75 2.07 21.53
N ASP A 124 6.34 1.19 22.44
CA ASP A 124 5.22 0.29 22.20
C ASP A 124 3.99 1.14 21.90
N ASP A 125 3.92 2.30 22.56
CA ASP A 125 2.82 3.24 22.37
C ASP A 125 2.81 3.75 20.93
N HIS A 126 3.98 3.99 20.37
CA HIS A 126 4.06 4.45 19.00
C HIS A 126 3.66 3.32 18.06
N VAL A 127 4.12 2.10 18.33
CA VAL A 127 3.75 0.98 17.47
C VAL A 127 2.24 0.79 17.44
N GLN A 128 1.59 0.89 18.59
CA GLN A 128 0.14 0.76 18.65
C GLN A 128 -0.54 1.76 17.71
N PHE A 129 -0.09 3.02 17.76
CA PHE A 129 -0.68 4.07 16.96
C PHE A 129 -0.45 3.88 15.44
N LEU A 130 0.79 3.58 15.07
CA LEU A 130 1.13 3.38 13.65
C LEU A 130 0.40 2.18 13.03
N ILE A 131 0.46 1.03 13.72
CA ILE A 131 -0.22 -0.15 13.21
C ILE A 131 -1.73 0.06 13.26
N TYR A 132 -2.23 0.76 14.28
CA TYR A 132 -3.67 1.02 14.35
C TYR A 132 -4.09 1.75 13.05
N GLN A 133 -3.30 2.76 12.69
CA GLN A 133 -3.60 3.55 11.51
C GLN A 133 -3.56 2.75 10.21
N ILE A 134 -2.60 1.86 10.10
CA ILE A 134 -2.50 1.01 8.90
C ILE A 134 -3.76 0.17 8.84
N LEU A 135 -4.13 -0.47 9.96
CA LEU A 135 -5.31 -1.30 9.96
C LEU A 135 -6.62 -0.57 9.70
N ARG A 136 -6.72 0.68 10.17
CA ARG A 136 -7.93 1.46 9.95
C ARG A 136 -8.02 1.75 8.43
N GLY A 137 -6.89 2.07 7.85
CA GLY A 137 -6.84 2.32 6.40
C GLY A 137 -7.14 1.04 5.63
N LEU A 138 -6.60 -0.09 6.08
CA LEU A 138 -6.86 -1.36 5.39
C LEU A 138 -8.30 -1.78 5.49
N LYS A 139 -8.94 -1.53 6.63
CA LYS A 139 -10.34 -1.91 6.76
C LYS A 139 -11.16 -1.22 5.68
N TYR A 140 -10.81 0.04 5.44
CA TYR A 140 -11.51 0.85 4.45
C TYR A 140 -11.26 0.34 3.03
N ILE A 141 -9.98 0.15 2.71
CA ILE A 141 -9.56 -0.34 1.38
C ILE A 141 -10.20 -1.72 1.12
N HIS A 142 -10.09 -2.61 2.10
CA HIS A 142 -10.65 -3.97 1.97
C HIS A 142 -12.16 -3.99 1.81
N SER A 143 -12.85 -3.02 2.41
CA SER A 143 -14.30 -2.98 2.28
C SER A 143 -14.74 -2.62 0.85
N ALA A 144 -13.80 -2.10 0.06
CA ALA A 144 -14.08 -1.74 -1.33
C ALA A 144 -13.68 -2.88 -2.26
N ASP A 145 -13.29 -4.02 -1.69
CA ASP A 145 -12.87 -5.20 -2.44
C ASP A 145 -11.56 -4.93 -3.18
N ILE A 146 -10.69 -4.14 -2.54
CA ILE A 146 -9.39 -3.80 -3.09
C ILE A 146 -8.34 -4.44 -2.18
N ILE A 147 -7.30 -5.01 -2.78
CA ILE A 147 -6.21 -5.61 -2.02
C ILE A 147 -5.00 -4.76 -2.37
N HIS A 148 -4.22 -4.37 -1.38
CA HIS A 148 -3.03 -3.56 -1.66
C HIS A 148 -2.00 -4.39 -2.41
N ARG A 149 -1.65 -5.55 -1.85
CA ARG A 149 -0.69 -6.49 -2.44
C ARG A 149 0.79 -6.17 -2.26
N ASP A 150 1.14 -4.91 -1.99
CA ASP A 150 2.53 -4.57 -1.83
C ASP A 150 2.82 -3.66 -0.65
N LEU A 151 2.17 -3.94 0.48
CA LEU A 151 2.39 -3.12 1.66
C LEU A 151 3.79 -3.32 2.20
N LYS A 152 4.49 -2.22 2.43
CA LYS A 152 5.84 -2.19 2.94
C LYS A 152 6.08 -0.81 3.54
N PRO A 153 7.12 -0.66 4.39
CA PRO A 153 7.43 0.62 5.04
C PRO A 153 7.51 1.81 4.07
N SER A 154 8.09 1.58 2.89
CA SER A 154 8.22 2.64 1.89
C SER A 154 6.91 3.12 1.26
N ASN A 155 5.82 2.36 1.47
CA ASN A 155 4.50 2.71 0.94
C ASN A 155 3.61 3.23 2.06
N LEU A 156 4.21 3.55 3.20
CA LEU A 156 3.45 4.09 4.34
C LEU A 156 4.03 5.46 4.63
N ALA A 157 3.27 6.48 4.23
CA ALA A 157 3.68 7.88 4.42
C ALA A 157 3.29 8.33 5.81
N VAL A 158 4.22 9.01 6.47
CA VAL A 158 3.97 9.46 7.83
C VAL A 158 4.41 10.93 7.99
N ASN A 159 3.57 11.76 8.61
CA ASN A 159 3.95 13.16 8.81
C ASN A 159 4.56 13.39 10.19
N GLU A 160 4.84 14.66 10.51
CA GLU A 160 5.45 15.01 11.80
C GLU A 160 4.59 14.70 13.02
N ASP A 161 3.28 14.58 12.83
CA ASP A 161 2.37 14.27 13.92
C ASP A 161 2.18 12.76 14.05
N CYS A 162 3.04 12.00 13.37
CA CYS A 162 2.96 10.53 13.38
C CYS A 162 1.66 10.01 12.76
N GLU A 163 1.02 10.85 11.94
CA GLU A 163 -0.19 10.45 11.25
C GLU A 163 0.29 9.66 10.03
N LEU A 164 -0.47 8.65 9.66
CA LEU A 164 -0.08 7.76 8.58
C LEU A 164 -1.11 7.54 7.48
N LYS A 165 -0.63 7.44 6.25
CA LYS A 165 -1.50 7.17 5.10
C LYS A 165 -0.87 6.09 4.25
N ILE A 166 -1.72 5.25 3.69
CA ILE A 166 -1.27 4.17 2.81
C ILE A 166 -1.19 4.68 1.38
N LEU A 167 -0.03 4.52 0.74
CA LEU A 167 0.08 4.92 -0.66
C LEU A 167 0.36 3.73 -1.58
N ASP A 168 0.11 3.93 -2.86
CA ASP A 168 0.36 2.91 -3.88
C ASP A 168 -0.49 1.64 -3.79
N PHE A 169 -1.69 1.74 -3.21
CA PHE A 169 -2.58 0.59 -3.07
C PHE A 169 -3.27 0.18 -4.37
N GLY A 170 -3.56 -1.12 -4.48
CA GLY A 170 -4.24 -1.64 -5.65
C GLY A 170 -3.58 -1.46 -7.00
N LEU A 171 -2.29 -1.16 -7.00
CA LEU A 171 -1.53 -0.94 -8.23
C LEU A 171 -0.66 -2.13 -8.61
N VAL A 183 15.47 -1.89 0.79
CA VAL A 183 14.07 -2.24 1.19
C VAL A 183 13.41 -3.11 0.11
N ALA A 184 13.78 -4.39 0.10
CA ALA A 184 13.23 -5.35 -0.87
C ALA A 184 11.75 -5.60 -0.64
N THR A 185 10.98 -5.58 -1.72
CA THR A 185 9.54 -5.81 -1.66
C THR A 185 9.17 -7.22 -1.20
N ARG A 186 10.02 -8.20 -1.52
CA ARG A 186 9.77 -9.59 -1.14
C ARG A 186 9.69 -9.83 0.36
N TRP A 187 10.39 -9.03 1.16
CA TRP A 187 10.41 -9.20 2.61
C TRP A 187 9.06 -9.17 3.33
N TYR A 188 8.10 -8.45 2.75
CA TYR A 188 6.79 -8.30 3.36
C TYR A 188 5.68 -9.06 2.65
N ARG A 189 6.04 -9.88 1.67
CA ARG A 189 5.06 -10.63 0.89
C ARG A 189 4.58 -11.89 1.57
N ALA A 190 3.27 -12.13 1.47
CA ALA A 190 2.67 -13.34 2.06
C ALA A 190 3.29 -14.59 1.42
N PRO A 191 3.42 -15.68 2.17
CA PRO A 191 4.01 -16.92 1.66
C PRO A 191 3.25 -17.52 0.46
N GLU A 192 1.93 -17.40 0.46
CA GLU A 192 1.10 -17.91 -0.64
C GLU A 192 1.43 -17.19 -1.96
N ILE A 193 1.92 -15.96 -1.87
CA ILE A 193 2.31 -15.22 -3.08
C ILE A 193 3.66 -15.73 -3.56
N MET A 194 4.54 -16.07 -2.62
CA MET A 194 5.86 -16.61 -2.95
C MET A 194 5.68 -17.97 -3.62
N LEU A 195 4.56 -18.63 -3.31
CA LEU A 195 4.20 -19.93 -3.86
C LEU A 195 3.45 -19.80 -5.19
N ASN A 196 3.14 -18.55 -5.58
CA ASN A 196 2.44 -18.27 -6.84
C ASN A 196 0.96 -18.70 -6.88
N TRP A 197 0.30 -18.69 -5.72
CA TRP A 197 -1.11 -19.05 -5.66
C TRP A 197 -1.93 -17.88 -6.21
N MET A 198 -2.79 -18.17 -7.19
CA MET A 198 -3.60 -17.13 -7.81
C MET A 198 -4.91 -16.79 -7.09
N HIS A 199 -5.27 -17.57 -6.07
CA HIS A 199 -6.51 -17.32 -5.35
C HIS A 199 -6.36 -16.74 -3.94
N TYR A 200 -5.29 -16.01 -3.74
CA TYR A 200 -5.03 -15.36 -2.44
C TYR A 200 -6.16 -14.40 -2.10
N ASN A 201 -6.34 -14.13 -0.80
CA ASN A 201 -7.39 -13.23 -0.33
C ASN A 201 -6.81 -11.94 0.25
N GLN A 202 -7.66 -11.10 0.81
CA GLN A 202 -7.19 -9.83 1.38
C GLN A 202 -6.20 -9.97 2.53
N THR A 203 -6.15 -11.13 3.19
CA THR A 203 -5.21 -11.25 4.30
C THR A 203 -3.74 -11.27 3.87
N VAL A 204 -3.47 -11.24 2.56
CA VAL A 204 -2.09 -11.12 2.13
C VAL A 204 -1.58 -9.76 2.70
N ASP A 205 -2.49 -8.81 2.84
CA ASP A 205 -2.13 -7.49 3.37
C ASP A 205 -1.90 -7.55 4.88
N ILE A 206 -2.67 -8.39 5.56
CA ILE A 206 -2.51 -8.57 7.01
C ILE A 206 -1.13 -9.20 7.29
N TRP A 207 -0.71 -10.14 6.44
CA TRP A 207 0.62 -10.72 6.59
C TRP A 207 1.67 -9.62 6.57
N SER A 208 1.56 -8.72 5.59
CA SER A 208 2.48 -7.61 5.47
C SER A 208 2.50 -6.74 6.72
N VAL A 209 1.31 -6.45 7.26
CA VAL A 209 1.22 -5.61 8.46
C VAL A 209 1.96 -6.32 9.60
N GLY A 210 1.78 -7.63 9.68
CA GLY A 210 2.46 -8.41 10.71
C GLY A 210 3.97 -8.31 10.60
N CYS A 211 4.49 -8.35 9.37
CA CYS A 211 5.93 -8.22 9.15
C CYS A 211 6.38 -6.82 9.53
N ILE A 212 5.56 -5.82 9.21
CA ILE A 212 5.91 -4.43 9.52
C ILE A 212 5.90 -4.19 11.04
N MET A 213 4.87 -4.68 11.71
CA MET A 213 4.75 -4.52 13.16
C MET A 213 5.94 -5.19 13.85
N ALA A 214 6.25 -6.43 13.45
CA ALA A 214 7.39 -7.13 14.05
C ALA A 214 8.69 -6.31 13.88
N GLU A 215 8.86 -5.70 12.72
CA GLU A 215 10.04 -4.90 12.44
C GLU A 215 10.12 -3.64 13.31
N LEU A 216 8.97 -3.01 13.53
CA LEU A 216 8.92 -1.80 14.36
C LEU A 216 9.21 -2.11 15.82
N LEU A 217 8.90 -3.35 16.23
CA LEU A 217 9.12 -3.78 17.61
C LEU A 217 10.54 -4.27 17.87
N THR A 218 11.14 -4.91 16.86
CA THR A 218 12.48 -5.47 17.00
C THR A 218 13.65 -4.66 16.46
N GLY A 219 13.39 -3.85 15.45
CA GLY A 219 14.45 -3.06 14.84
C GLY A 219 15.14 -3.80 13.70
N ARG A 220 14.56 -4.92 13.26
CA ARG A 220 15.14 -5.68 12.17
C ARG A 220 14.07 -6.33 11.30
N THR A 221 14.41 -6.54 10.03
CA THR A 221 13.48 -7.17 9.09
C THR A 221 13.18 -8.58 9.58
N LEU A 222 11.89 -8.89 9.74
CA LEU A 222 11.48 -10.22 10.19
C LEU A 222 11.93 -11.34 9.26
N PHE A 223 11.69 -11.18 7.95
CA PHE A 223 12.06 -12.18 6.95
C PHE A 223 12.83 -11.55 5.79
N PRO A 224 14.16 -11.38 5.94
CA PRO A 224 14.96 -10.76 4.88
C PRO A 224 15.46 -11.74 3.81
N GLY A 225 14.54 -12.32 3.05
CA GLY A 225 14.87 -13.28 2.01
C GLY A 225 15.65 -12.71 0.84
N THR A 226 16.59 -13.50 0.32
CA THR A 226 17.44 -13.11 -0.81
C THR A 226 16.80 -13.40 -2.18
N ASP A 227 15.72 -14.19 -2.16
CA ASP A 227 14.95 -14.54 -3.35
C ASP A 227 13.66 -15.23 -2.92
N HIS A 228 12.82 -15.64 -3.87
CA HIS A 228 11.55 -16.30 -3.55
C HIS A 228 11.72 -17.56 -2.70
N ILE A 229 12.74 -18.35 -3.03
CA ILE A 229 13.01 -19.58 -2.31
C ILE A 229 13.45 -19.33 -0.88
N ASP A 230 14.44 -18.45 -0.71
CA ASP A 230 14.98 -18.10 0.59
C ASP A 230 13.90 -17.44 1.44
N GLN A 231 13.05 -16.64 0.81
CA GLN A 231 11.98 -15.94 1.51
C GLN A 231 11.03 -16.95 2.15
N LEU A 232 10.62 -17.93 1.35
CA LEU A 232 9.71 -18.98 1.81
C LEU A 232 10.33 -19.76 2.96
N LYS A 233 11.62 -20.08 2.85
CA LYS A 233 12.31 -20.83 3.87
C LYS A 233 12.35 -20.09 5.20
N LEU A 234 12.67 -18.80 5.16
CA LEU A 234 12.70 -17.98 6.37
C LEU A 234 11.32 -17.90 7.01
N ILE A 235 10.28 -17.78 6.19
CA ILE A 235 8.91 -17.70 6.71
C ILE A 235 8.53 -19.00 7.42
N LEU A 236 8.77 -20.14 6.77
CA LEU A 236 8.43 -21.42 7.36
C LEU A 236 9.20 -21.75 8.65
N ARG A 237 10.38 -21.17 8.84
CA ARG A 237 11.15 -21.43 10.05
C ARG A 237 10.42 -20.86 11.27
N LEU A 238 9.71 -19.75 11.08
CA LEU A 238 8.95 -19.13 12.17
C LEU A 238 7.55 -19.69 12.35
N VAL A 239 6.81 -19.81 11.24
CA VAL A 239 5.43 -20.27 11.30
C VAL A 239 5.18 -21.77 11.08
N GLY A 240 6.27 -22.50 10.86
CA GLY A 240 6.21 -23.93 10.62
C GLY A 240 5.87 -24.26 9.19
N THR A 241 6.16 -25.49 8.78
CA THR A 241 5.80 -25.92 7.43
C THR A 241 4.30 -26.20 7.52
N PRO A 242 3.59 -26.26 6.37
CA PRO A 242 2.15 -26.50 6.36
C PRO A 242 1.64 -27.73 7.10
N GLY A 243 0.57 -27.53 7.86
CA GLY A 243 -0.06 -28.61 8.59
C GLY A 243 -0.94 -29.35 7.60
N ALA A 244 -1.51 -30.48 8.02
CA ALA A 244 -2.36 -31.30 7.15
C ALA A 244 -3.53 -30.57 6.51
N GLU A 245 -4.23 -29.74 7.27
CA GLU A 245 -5.38 -29.00 6.77
C GLU A 245 -4.98 -28.06 5.63
N LEU A 246 -3.83 -27.41 5.76
CA LEU A 246 -3.36 -26.48 4.72
C LEU A 246 -2.85 -27.24 3.50
N LEU A 247 -2.12 -28.32 3.73
CA LEU A 247 -1.59 -29.13 2.63
C LEU A 247 -2.71 -29.60 1.72
N LYS A 248 -3.87 -29.90 2.31
CA LYS A 248 -5.03 -30.38 1.55
C LYS A 248 -5.58 -29.35 0.56
N LYS A 249 -5.24 -28.09 0.77
CA LYS A 249 -5.72 -27.03 -0.09
C LYS A 249 -4.79 -26.68 -1.25
N ILE A 250 -3.61 -27.30 -1.32
CA ILE A 250 -2.65 -26.98 -2.37
C ILE A 250 -2.89 -27.85 -3.62
N SER A 251 -3.36 -27.22 -4.68
CA SER A 251 -3.68 -27.92 -5.93
C SER A 251 -2.46 -28.32 -6.76
N SER A 252 -1.44 -27.47 -6.78
CA SER A 252 -0.23 -27.71 -7.55
C SER A 252 0.64 -28.87 -7.09
N GLU A 253 0.87 -29.82 -8.00
CA GLU A 253 1.71 -30.97 -7.73
C GLU A 253 3.15 -30.49 -7.48
N SER A 254 3.63 -29.56 -8.32
CA SER A 254 4.97 -29.05 -8.15
C SER A 254 5.17 -28.34 -6.80
N ALA A 255 4.16 -27.58 -6.37
CA ALA A 255 4.22 -26.86 -5.09
C ALA A 255 4.26 -27.84 -3.92
N ARG A 256 3.41 -28.85 -3.97
CA ARG A 256 3.37 -29.87 -2.92
C ARG A 256 4.68 -30.65 -2.85
N ASN A 257 5.28 -30.96 -4.00
CA ASN A 257 6.55 -31.67 -4.00
C ASN A 257 7.62 -30.87 -3.32
N TYR A 258 7.73 -29.59 -3.67
CA TYR A 258 8.74 -28.75 -3.05
C TYR A 258 8.52 -28.58 -1.55
N ILE A 259 7.32 -28.17 -1.17
CA ILE A 259 6.96 -27.94 0.23
C ILE A 259 7.11 -29.18 1.11
N GLN A 260 6.52 -30.28 0.65
CA GLN A 260 6.57 -31.55 1.39
C GLN A 260 7.96 -32.20 1.42
N SER A 261 8.85 -31.77 0.53
CA SER A 261 10.20 -32.29 0.51
C SER A 261 11.11 -31.52 1.46
N LEU A 262 10.61 -30.41 1.97
CA LEU A 262 11.38 -29.62 2.93
C LEU A 262 11.34 -30.35 4.27
N THR A 263 12.38 -30.13 5.08
CA THR A 263 12.43 -30.75 6.41
C THR A 263 11.31 -30.09 7.21
N GLN A 264 10.41 -30.89 7.77
CA GLN A 264 9.29 -30.34 8.53
C GLN A 264 9.78 -29.50 9.69
N MET A 265 9.12 -28.35 9.89
CA MET A 265 9.47 -27.42 10.97
C MET A 265 8.22 -27.06 11.75
N PRO A 266 8.31 -27.06 13.09
CA PRO A 266 7.14 -26.72 13.90
C PRO A 266 6.94 -25.21 13.98
N LYS A 267 5.73 -24.77 14.28
CA LYS A 267 5.49 -23.34 14.44
C LYS A 267 6.24 -22.96 15.72
N MET A 268 6.95 -21.84 15.71
CA MET A 268 7.69 -21.40 16.89
C MET A 268 6.77 -20.80 17.94
N ASN A 269 7.29 -20.58 19.14
CA ASN A 269 6.49 -20.05 20.25
C ASN A 269 5.96 -18.61 20.11
N PHE A 270 6.75 -17.73 19.51
CA PHE A 270 6.43 -16.30 19.33
C PHE A 270 6.68 -15.55 20.64
N ALA A 271 6.16 -16.07 21.76
CA ALA A 271 6.39 -15.43 23.05
C ALA A 271 7.90 -15.43 23.33
N ASN A 272 8.57 -16.48 22.83
CA ASN A 272 10.01 -16.60 22.98
C ASN A 272 10.76 -15.87 21.88
N VAL A 273 10.23 -15.90 20.66
CA VAL A 273 10.87 -15.20 19.53
C VAL A 273 10.87 -13.69 19.74
N PHE A 274 9.78 -13.17 20.29
CA PHE A 274 9.64 -11.74 20.53
C PHE A 274 9.71 -11.41 22.02
N ILE A 275 10.48 -12.22 22.74
CA ILE A 275 10.72 -12.12 24.19
C ILE A 275 10.14 -10.96 25.03
N GLY A 276 10.79 -9.81 24.99
CA GLY A 276 10.35 -8.68 25.79
C GLY A 276 9.33 -7.70 25.25
N ALA A 277 8.61 -8.08 24.20
CA ALA A 277 7.60 -7.19 23.64
C ALA A 277 6.32 -7.31 24.46
N ASN A 278 5.45 -6.31 24.35
CA ASN A 278 4.16 -6.31 25.05
C ASN A 278 3.45 -7.62 24.68
N PRO A 279 3.04 -8.42 25.68
CA PRO A 279 2.36 -9.69 25.38
C PRO A 279 1.13 -9.55 24.47
N LEU A 280 0.50 -8.38 24.50
CA LEU A 280 -0.68 -8.12 23.67
C LEU A 280 -0.23 -7.99 22.21
N ALA A 281 0.97 -7.43 22.02
CA ALA A 281 1.53 -7.27 20.67
C ALA A 281 1.89 -8.64 20.12
N VAL A 282 2.44 -9.50 20.98
CA VAL A 282 2.82 -10.85 20.57
C VAL A 282 1.55 -11.62 20.17
N ASP A 283 0.48 -11.46 20.93
CA ASP A 283 -0.77 -12.16 20.65
C ASP A 283 -1.29 -11.77 19.28
N LEU A 284 -1.29 -10.48 19.00
CA LEU A 284 -1.76 -9.98 17.70
C LEU A 284 -0.88 -10.48 16.55
N LEU A 285 0.43 -10.48 16.78
CA LEU A 285 1.41 -10.95 15.79
C LEU A 285 1.12 -12.41 15.44
N GLU A 286 0.78 -13.20 16.44
CA GLU A 286 0.45 -14.62 16.20
C GLU A 286 -0.79 -14.76 15.31
N LYS A 287 -1.77 -13.88 15.52
CA LYS A 287 -3.01 -13.92 14.75
C LYS A 287 -2.88 -13.38 13.31
N MET A 288 -1.89 -12.52 13.09
CA MET A 288 -1.66 -11.95 11.75
C MET A 288 -0.77 -12.86 10.91
N LEU A 289 0.18 -13.51 11.57
CA LEU A 289 1.14 -14.35 10.89
C LEU A 289 0.83 -15.85 10.89
N VAL A 290 -0.45 -16.19 10.96
CA VAL A 290 -0.86 -17.60 10.89
C VAL A 290 -0.54 -18.00 9.45
N LEU A 291 0.09 -19.15 9.25
CA LEU A 291 0.44 -19.55 7.88
C LEU A 291 -0.74 -19.64 6.91
N ASP A 292 -1.73 -20.46 7.25
CA ASP A 292 -2.92 -20.65 6.43
C ASP A 292 -3.67 -19.33 6.38
N SER A 293 -3.74 -18.73 5.19
CA SER A 293 -4.42 -17.44 5.04
C SER A 293 -5.89 -17.43 5.45
N ASP A 294 -6.55 -18.59 5.39
CA ASP A 294 -7.96 -18.70 5.78
C ASP A 294 -8.19 -18.54 7.29
N LYS A 295 -7.11 -18.61 8.07
CA LYS A 295 -7.20 -18.50 9.52
C LYS A 295 -6.65 -17.18 10.07
N ARG A 296 -6.13 -16.33 9.19
CA ARG A 296 -5.57 -15.04 9.60
C ARG A 296 -6.65 -14.04 9.97
N ILE A 297 -6.31 -13.18 10.91
CA ILE A 297 -7.25 -12.16 11.36
C ILE A 297 -7.50 -11.14 10.24
N THR A 298 -8.70 -10.57 10.19
CA THR A 298 -9.01 -9.56 9.17
C THR A 298 -8.64 -8.19 9.74
N ALA A 299 -8.69 -7.16 8.90
CA ALA A 299 -8.36 -5.81 9.35
C ALA A 299 -9.39 -5.36 10.40
N ALA A 300 -10.67 -5.66 10.13
CA ALA A 300 -11.76 -5.28 11.04
C ALA A 300 -11.60 -5.95 12.39
N GLN A 301 -11.31 -7.25 12.38
CA GLN A 301 -11.11 -8.00 13.62
C GLN A 301 -9.89 -7.49 14.38
N ALA A 302 -8.83 -7.17 13.65
CA ALA A 302 -7.61 -6.71 14.28
C ALA A 302 -7.82 -5.39 15.03
N LEU A 303 -8.65 -4.53 14.46
CA LEU A 303 -8.90 -3.22 15.10
C LEU A 303 -9.52 -3.38 16.48
N ALA A 304 -10.30 -4.45 16.65
CA ALA A 304 -10.97 -4.75 17.91
C ALA A 304 -10.08 -5.52 18.91
N HIS A 305 -8.85 -5.84 18.52
CA HIS A 305 -7.93 -6.56 19.39
C HIS A 305 -7.50 -5.66 20.56
N ALA A 306 -7.34 -6.26 21.73
CA ALA A 306 -6.97 -5.51 22.93
C ALA A 306 -5.73 -4.63 22.84
N TYR A 307 -4.81 -4.94 21.93
CA TYR A 307 -3.59 -4.16 21.76
C TYR A 307 -3.90 -2.69 21.41
N PHE A 308 -5.02 -2.47 20.73
CA PHE A 308 -5.43 -1.12 20.31
C PHE A 308 -6.52 -0.51 21.18
N ALA A 309 -6.60 -0.94 22.44
CA ALA A 309 -7.63 -0.44 23.34
C ALA A 309 -7.71 1.09 23.47
N GLN A 310 -6.57 1.76 23.55
CA GLN A 310 -6.58 3.22 23.69
C GLN A 310 -6.92 4.00 22.41
N TYR A 311 -6.98 3.29 21.28
CA TYR A 311 -7.28 3.94 20.01
C TYR A 311 -8.58 3.52 19.33
N HIS A 312 -8.96 2.26 19.51
CA HIS A 312 -10.14 1.70 18.89
C HIS A 312 -11.51 2.34 19.17
N ASP A 313 -12.22 2.65 18.09
CA ASP A 313 -13.57 3.24 18.17
C ASP A 313 -14.36 2.74 16.96
N PRO A 314 -15.26 1.78 17.16
CA PRO A 314 -16.09 1.21 16.09
C PRO A 314 -16.91 2.22 15.30
N ASP A 315 -17.21 3.35 15.91
CA ASP A 315 -18.00 4.40 15.25
C ASP A 315 -17.14 5.36 14.43
N ASP A 316 -15.83 5.20 14.48
CA ASP A 316 -14.90 6.06 13.75
C ASP A 316 -13.87 5.25 12.95
N GLU A 317 -14.32 4.12 12.39
CA GLU A 317 -13.46 3.25 11.55
C GLU A 317 -14.38 2.95 10.36
N PRO A 318 -14.56 3.95 9.48
CA PRO A 318 -15.41 3.89 8.29
C PRO A 318 -15.08 2.85 7.23
N VAL A 319 -16.13 2.47 6.51
CA VAL A 319 -16.07 1.54 5.39
C VAL A 319 -16.20 2.43 4.13
N ALA A 320 -15.75 1.91 2.99
CA ALA A 320 -15.81 2.65 1.73
C ALA A 320 -17.09 2.42 0.95
N ASP A 321 -17.40 3.37 0.08
CA ASP A 321 -18.56 3.25 -0.79
C ASP A 321 -18.15 2.17 -1.81
N PRO A 322 -19.13 1.52 -2.46
CA PRO A 322 -18.79 0.48 -3.45
C PRO A 322 -17.92 1.01 -4.61
N TYR A 323 -16.91 0.21 -4.97
CA TYR A 323 -15.96 0.53 -6.03
C TYR A 323 -16.13 -0.42 -7.22
N ASP A 324 -16.32 0.16 -8.41
CA ASP A 324 -16.52 -0.62 -9.63
C ASP A 324 -15.20 -1.04 -10.28
N GLN A 325 -14.84 -2.31 -10.12
CA GLN A 325 -13.60 -2.83 -10.68
C GLN A 325 -13.81 -3.62 -11.96
N SER A 326 -15.02 -3.59 -12.51
CA SER A 326 -15.34 -4.34 -13.72
C SER A 326 -14.39 -4.06 -14.89
N PHE A 327 -13.85 -2.84 -14.96
CA PHE A 327 -12.92 -2.49 -16.05
C PHE A 327 -11.68 -3.39 -16.06
N GLU A 328 -11.35 -3.94 -14.90
CA GLU A 328 -10.19 -4.81 -14.79
C GLU A 328 -10.23 -6.03 -15.72
N SER A 329 -11.44 -6.47 -16.05
CA SER A 329 -11.61 -7.63 -16.91
C SER A 329 -11.76 -7.24 -18.38
N ARG A 330 -11.72 -5.95 -18.67
CA ARG A 330 -11.87 -5.49 -20.05
C ARG A 330 -10.58 -5.29 -20.82
N ASP A 331 -10.63 -5.60 -22.11
CA ASP A 331 -9.49 -5.46 -23.01
C ASP A 331 -9.84 -4.42 -24.06
N LEU A 332 -9.39 -3.19 -23.81
CA LEU A 332 -9.66 -2.06 -24.67
C LEU A 332 -8.40 -1.59 -25.40
N LEU A 333 -8.60 -0.70 -26.36
CA LEU A 333 -7.50 -0.11 -27.11
C LEU A 333 -6.89 1.02 -26.28
N ILE A 334 -5.66 1.39 -26.58
CA ILE A 334 -4.99 2.45 -25.84
C ILE A 334 -5.81 3.73 -25.87
N ASP A 335 -6.32 4.10 -27.05
CA ASP A 335 -7.12 5.33 -27.16
C ASP A 335 -8.35 5.30 -26.30
N GLU A 336 -8.89 4.10 -26.08
CA GLU A 336 -10.08 3.96 -25.27
C GLU A 336 -9.75 4.16 -23.80
N TRP A 337 -8.62 3.61 -23.34
CA TRP A 337 -8.24 3.80 -21.93
C TRP A 337 -7.91 5.27 -21.72
N LYS A 338 -7.33 5.87 -22.75
CA LYS A 338 -6.95 7.28 -22.70
C LYS A 338 -8.19 8.17 -22.56
N SER A 339 -9.22 7.89 -23.36
CA SER A 339 -10.44 8.68 -23.32
C SER A 339 -11.17 8.54 -21.99
N LEU A 340 -11.17 7.33 -21.44
CA LEU A 340 -11.79 7.05 -20.15
C LEU A 340 -11.07 7.83 -19.06
N THR A 341 -9.75 7.92 -19.17
CA THR A 341 -8.94 8.64 -18.19
C THR A 341 -9.21 10.14 -18.31
N TYR A 342 -9.35 10.61 -19.54
CA TYR A 342 -9.63 12.03 -19.77
C TYR A 342 -10.98 12.40 -19.14
N ASP A 343 -11.96 11.52 -19.31
CA ASP A 343 -13.30 11.72 -18.76
C ASP A 343 -13.21 11.84 -17.25
N GLU A 344 -12.36 11.01 -16.64
CA GLU A 344 -12.18 11.02 -15.19
C GLU A 344 -11.47 12.28 -14.70
N VAL A 345 -10.54 12.80 -15.49
CA VAL A 345 -9.84 14.03 -15.11
C VAL A 345 -10.83 15.20 -15.12
N ILE A 346 -11.68 15.25 -16.15
CA ILE A 346 -12.67 16.32 -16.29
C ILE A 346 -13.79 16.28 -15.26
N SER A 347 -14.23 15.09 -14.87
CA SER A 347 -15.32 14.96 -13.91
C SER A 347 -14.90 15.10 -12.45
N PHE A 348 -13.60 15.27 -12.19
CA PHE A 348 -13.10 15.40 -10.83
C PHE A 348 -13.67 16.59 -10.09
N VAL A 349 -14.09 16.33 -8.86
CA VAL A 349 -14.64 17.38 -8.00
C VAL A 349 -13.78 17.34 -6.73
N PRO A 350 -13.03 18.42 -6.46
CA PRO A 350 -12.17 18.48 -5.27
C PRO A 350 -12.99 18.42 -3.98
N PRO A 351 -12.34 18.12 -2.84
CA PRO A 351 -13.01 18.04 -1.54
C PRO A 351 -13.94 19.21 -1.22
N PRO A 352 -13.56 20.45 -1.62
CA PRO A 352 -14.44 21.60 -1.34
C PRO A 352 -15.72 21.55 -2.21
#